data_6EEU
#
_entry.id   6EEU
#
_cell.length_a   100.540
_cell.length_b   100.540
_cell.length_c   75.860
_cell.angle_alpha   90.00
_cell.angle_beta   90.00
_cell.angle_gamma   120.00
#
_symmetry.space_group_name_H-M   'P 3 2 1'
#
loop_
_entity.id
_entity.type
_entity.pdbx_description
1 polymer '3-hydroxy-3-methylglutaryl coenzyme A reductase'
2 non-polymer 'SULFATE ION'
3 non-polymer 1,2-ETHANEDIOL
4 water water
#
_entity_poly.entity_id   1
_entity_poly.type   'polypeptide(L)'
_entity_poly.pdbx_seq_one_letter_code
;MVADSRLPNFRALTPAQRRDFLADACGLSDAERALLAAPGALPLALADGMIENVFGSFELPLGVAGNFRVNGRDVLVPMA
VEEPSVVAAASYMAKLAREDGGFQTSSTLPLMRAQVQVLGVTDPHGARLAVLQARAQIIERANSRDKVLIGLGGGCKDIE
VHVFPDTPRGPMLVVHLIVDVRDAMGANTVNTMAESVAPLVEKITGGSVRLRILSNLADLRLARARVRLTPQTLATQDRS
GEEIIEGVLDAYTFAAIDPYRAATHNKGIMNGIDPVIVATGNDWRAVEAGAHAYASRSGSYTSLTRWEKDAGGALVGSIE
LPMPVGLVGGATKTHPLARLALKIMDLQSAQQLGEIAAAVGLAQNLGALRALATEGIQRGHMALHARNIALVAGATGDEV
DAVARQLAAEHDVRTDRALEVLAALRARA
;
_entity_poly.pdbx_strand_id   A
#
loop_
_chem_comp.id
_chem_comp.type
_chem_comp.name
_chem_comp.formula
EDO non-polymer 1,2-ETHANEDIOL 'C2 H6 O2'
SO4 non-polymer 'SULFATE ION' 'O4 S -2'
#
# COMPACT_ATOMS: atom_id res chain seq x y z
N ALA A 3 -1.72 -24.12 3.04
CA ALA A 3 -1.60 -22.97 2.15
C ALA A 3 -0.40 -23.12 1.22
N ASP A 4 -0.68 -23.13 -0.09
CA ASP A 4 0.31 -23.41 -1.13
C ASP A 4 0.04 -22.47 -2.30
N SER A 5 1.02 -21.62 -2.65
CA SER A 5 0.83 -20.63 -3.70
C SER A 5 1.49 -21.01 -5.02
N ARG A 6 2.01 -22.23 -5.14
CA ARG A 6 2.56 -22.67 -6.41
C ARG A 6 1.43 -22.93 -7.40
N LEU A 7 1.65 -22.52 -8.65
CA LEU A 7 0.64 -22.59 -9.70
C LEU A 7 1.16 -23.48 -10.83
N PRO A 8 1.05 -24.80 -10.68
CA PRO A 8 1.61 -25.73 -11.66
C PRO A 8 0.92 -25.60 -13.01
N ASN A 9 1.70 -25.28 -14.04
CA ASN A 9 1.28 -25.31 -15.45
C ASN A 9 0.22 -24.26 -15.78
N PHE A 10 0.14 -23.16 -15.02
CA PHE A 10 -0.96 -22.22 -15.22
C PHE A 10 -0.94 -21.60 -16.60
N ARG A 11 0.23 -21.51 -17.25
CA ARG A 11 0.28 -20.97 -18.60
C ARG A 11 -0.54 -21.80 -19.58
N ALA A 12 -0.66 -23.10 -19.33
CA ALA A 12 -1.36 -24.00 -20.24
C ALA A 12 -2.84 -24.12 -19.96
N LEU A 13 -3.30 -23.75 -18.76
CA LEU A 13 -4.70 -23.89 -18.41
C LEU A 13 -5.54 -22.79 -19.01
N THR A 14 -6.81 -23.08 -19.22
CA THR A 14 -7.79 -22.08 -19.61
C THR A 14 -8.18 -21.26 -18.39
N PRO A 15 -8.78 -20.08 -18.59
CA PRO A 15 -9.29 -19.33 -17.44
C PRO A 15 -10.22 -20.14 -16.56
N ALA A 16 -11.12 -20.93 -17.16
CA ALA A 16 -12.00 -21.77 -16.35
C ALA A 16 -11.20 -22.75 -15.49
N GLN A 17 -10.17 -23.36 -16.07
CA GLN A 17 -9.37 -24.30 -15.28
C GLN A 17 -8.57 -23.58 -14.19
N ARG A 18 -8.03 -22.41 -14.50
CA ARG A 18 -7.35 -21.63 -13.46
C ARG A 18 -8.31 -21.29 -12.32
N ARG A 19 -9.54 -20.91 -12.65
CA ARG A 19 -10.51 -20.57 -11.63
C ARG A 19 -10.82 -21.77 -10.74
N ASP A 20 -11.02 -22.94 -11.35
CA ASP A 20 -11.34 -24.13 -10.57
C ASP A 20 -10.18 -24.54 -9.67
N PHE A 21 -8.95 -24.41 -10.16
CA PHE A 21 -7.77 -24.68 -9.33
C PHE A 21 -7.73 -23.76 -8.11
N LEU A 22 -7.78 -22.44 -8.34
CA LEU A 22 -7.81 -21.47 -7.25
C LEU A 22 -8.93 -21.76 -6.26
N ALA A 23 -10.14 -21.98 -6.79
CA ALA A 23 -11.27 -22.30 -5.93
C ALA A 23 -10.96 -23.50 -5.05
N ASP A 24 -10.31 -24.52 -5.60
CA ASP A 24 -9.92 -25.68 -4.80
C ASP A 24 -8.83 -25.31 -3.81
N ALA A 25 -7.78 -24.62 -4.28
CA ALA A 25 -6.66 -24.28 -3.40
C ALA A 25 -7.11 -23.43 -2.21
N CYS A 26 -8.01 -22.48 -2.43
CA CYS A 26 -8.45 -21.57 -1.37
C CYS A 26 -9.69 -22.05 -0.65
N GLY A 27 -10.24 -23.19 -1.03
CA GLY A 27 -11.45 -23.67 -0.39
C GLY A 27 -12.60 -22.71 -0.56
N LEU A 28 -12.76 -22.19 -1.77
CA LEU A 28 -13.87 -21.28 -2.03
C LEU A 28 -15.19 -22.05 -2.04
N SER A 29 -16.23 -21.40 -1.55
CA SER A 29 -17.56 -21.99 -1.56
C SER A 29 -18.07 -22.11 -3.00
N ASP A 30 -19.13 -22.89 -3.15
CA ASP A 30 -19.74 -23.04 -4.47
C ASP A 30 -20.32 -21.72 -4.97
N ALA A 31 -20.85 -20.90 -4.05
CA ALA A 31 -21.34 -19.59 -4.44
C ALA A 31 -20.20 -18.70 -4.94
N GLU A 32 -19.08 -18.67 -4.21
CA GLU A 32 -17.93 -17.88 -4.62
C GLU A 32 -17.38 -18.36 -5.95
N ARG A 33 -17.39 -19.67 -6.18
CA ARG A 33 -16.96 -20.20 -7.47
C ARG A 33 -17.88 -19.73 -8.58
N ALA A 34 -19.19 -19.65 -8.31
CA ALA A 34 -20.13 -19.19 -9.32
C ALA A 34 -19.92 -17.71 -9.62
N LEU A 35 -19.66 -16.92 -8.58
CA LEU A 35 -19.40 -15.49 -8.74
C LEU A 35 -18.33 -15.23 -9.78
N LEU A 36 -17.30 -16.09 -9.85
CA LEU A 36 -16.18 -15.92 -10.76
C LEU A 36 -16.42 -16.48 -12.15
N ALA A 37 -17.32 -17.46 -12.29
CA ALA A 37 -17.52 -18.15 -13.55
C ALA A 37 -18.44 -17.40 -14.52
N ALA A 38 -19.14 -16.38 -14.06
CA ALA A 38 -19.97 -15.57 -14.94
C ALA A 38 -19.59 -14.11 -14.77
N PRO A 39 -19.74 -13.30 -15.82
CA PRO A 39 -19.47 -11.85 -15.66
C PRO A 39 -20.56 -11.20 -14.81
N GLY A 40 -20.28 -9.97 -14.37
CA GLY A 40 -21.27 -9.21 -13.63
C GLY A 40 -21.34 -9.50 -12.16
N ALA A 41 -20.21 -9.82 -11.52
CA ALA A 41 -20.21 -9.99 -10.07
C ALA A 41 -20.58 -8.72 -9.33
N LEU A 42 -20.56 -7.56 -10.00
CA LEU A 42 -20.95 -6.28 -9.41
C LEU A 42 -22.17 -5.78 -10.18
N PRO A 43 -23.37 -6.23 -9.81
CA PRO A 43 -24.57 -5.76 -10.50
C PRO A 43 -24.66 -4.25 -10.47
N LEU A 44 -25.23 -3.67 -11.54
CA LEU A 44 -25.30 -2.22 -11.64
C LEU A 44 -26.02 -1.60 -10.45
N ALA A 45 -26.98 -2.32 -9.85
CA ALA A 45 -27.68 -1.80 -8.68
C ALA A 45 -26.73 -1.58 -7.52
N LEU A 46 -25.70 -2.42 -7.39
CA LEU A 46 -24.68 -2.21 -6.38
C LEU A 46 -23.74 -1.08 -6.79
N ALA A 47 -23.29 -1.11 -8.05
CA ALA A 47 -22.40 -0.07 -8.54
C ALA A 47 -23.06 1.31 -8.44
N ASP A 48 -24.39 1.38 -8.62
CA ASP A 48 -25.11 2.64 -8.57
C ASP A 48 -25.01 3.33 -7.21
N GLY A 49 -24.84 2.56 -6.14
CA GLY A 49 -24.65 3.14 -4.83
C GLY A 49 -23.20 3.45 -4.47
N MET A 50 -22.25 3.12 -5.34
CA MET A 50 -20.83 3.33 -5.06
C MET A 50 -20.34 4.69 -5.57
N ILE A 51 -20.70 5.06 -6.80
CA ILE A 51 -20.30 6.33 -7.38
C ILE A 51 -21.53 6.95 -8.04
N GLU A 52 -21.37 8.17 -8.55
CA GLU A 52 -22.48 8.89 -9.16
C GLU A 52 -22.49 8.73 -10.67
N ASN A 53 -23.68 8.93 -11.24
CA ASN A 53 -23.93 8.89 -12.67
C ASN A 53 -23.53 7.55 -13.29
N VAL A 54 -23.80 6.46 -12.58
CA VAL A 54 -23.45 5.14 -13.10
C VAL A 54 -24.33 4.82 -14.30
N PHE A 55 -23.70 4.41 -15.40
CA PHE A 55 -24.43 3.89 -16.55
C PHE A 55 -23.93 2.53 -17.00
N GLY A 56 -23.00 1.93 -16.27
CA GLY A 56 -22.46 0.64 -16.66
C GLY A 56 -21.32 0.26 -15.73
N SER A 57 -20.58 -0.75 -16.14
CA SER A 57 -19.39 -1.20 -15.41
C SER A 57 -18.25 -1.41 -16.40
N PHE A 58 -17.01 -1.39 -15.90
CA PHE A 58 -15.83 -1.50 -16.73
C PHE A 58 -14.93 -2.58 -16.16
N GLU A 59 -14.65 -3.59 -16.97
CA GLU A 59 -13.88 -4.75 -16.51
C GLU A 59 -12.39 -4.56 -16.72
N LEU A 60 -11.62 -4.91 -15.70
CA LEU A 60 -10.20 -5.18 -15.81
C LEU A 60 -9.97 -6.68 -15.82
N PRO A 61 -9.01 -7.17 -16.59
CA PRO A 61 -8.58 -8.56 -16.42
C PRO A 61 -8.17 -8.82 -14.98
N LEU A 62 -8.46 -10.03 -14.51
CA LEU A 62 -8.15 -10.45 -13.14
C LEU A 62 -7.28 -11.69 -13.25
N GLY A 63 -6.01 -11.55 -12.90
CA GLY A 63 -5.07 -12.64 -12.91
C GLY A 63 -4.64 -12.95 -11.50
N VAL A 64 -3.86 -14.02 -11.36
CA VAL A 64 -3.30 -14.38 -10.07
C VAL A 64 -1.79 -14.56 -10.22
N ALA A 65 -1.04 -13.93 -9.33
CA ALA A 65 0.40 -14.12 -9.26
C ALA A 65 0.67 -15.26 -8.29
N GLY A 66 1.50 -16.21 -8.71
CA GLY A 66 1.79 -17.38 -7.91
C GLY A 66 3.14 -17.27 -7.21
N ASN A 67 3.39 -18.24 -6.33
CA ASN A 67 4.67 -18.52 -5.69
C ASN A 67 4.99 -17.59 -4.51
N PHE A 68 4.17 -16.60 -4.21
CA PHE A 68 4.53 -15.69 -3.12
C PHE A 68 4.47 -16.40 -1.78
N ARG A 69 5.47 -16.10 -0.96
CA ARG A 69 5.61 -16.60 0.41
C ARG A 69 6.07 -15.42 1.23
N VAL A 70 5.31 -15.06 2.26
CA VAL A 70 5.56 -13.85 3.04
C VAL A 70 5.58 -14.22 4.51
N ASN A 71 6.68 -13.91 5.20
CA ASN A 71 6.88 -14.27 6.60
C ASN A 71 6.52 -15.75 6.83
N GLY A 72 6.99 -16.61 5.93
CA GLY A 72 6.81 -18.04 6.06
C GLY A 72 5.48 -18.60 5.62
N ARG A 73 4.56 -17.78 5.12
CA ARG A 73 3.23 -18.23 4.74
C ARG A 73 2.99 -17.99 3.26
N ASP A 74 2.61 -19.04 2.53
CA ASP A 74 2.25 -18.90 1.12
C ASP A 74 1.00 -18.03 0.99
N VAL A 75 0.96 -17.19 -0.05
CA VAL A 75 -0.23 -16.39 -0.31
C VAL A 75 -0.42 -16.25 -1.82
N LEU A 76 -1.63 -16.52 -2.29
CA LEU A 76 -1.99 -16.27 -3.68
C LEU A 76 -2.45 -14.82 -3.82
N VAL A 77 -2.03 -14.19 -4.91
CA VAL A 77 -2.18 -12.74 -5.05
C VAL A 77 -2.98 -12.38 -6.29
N PRO A 78 -4.24 -11.94 -6.13
CA PRO A 78 -5.02 -11.51 -7.31
C PRO A 78 -4.62 -10.11 -7.74
N MET A 79 -4.62 -9.90 -9.07
CA MET A 79 -4.15 -8.65 -9.65
C MET A 79 -5.10 -8.23 -10.76
N ALA A 80 -5.72 -7.07 -10.61
CA ALA A 80 -6.58 -6.50 -11.64
C ALA A 80 -5.77 -5.43 -12.38
N VAL A 81 -5.42 -5.71 -13.63
CA VAL A 81 -4.56 -4.82 -14.40
C VAL A 81 -4.71 -5.17 -15.87
N GLU A 82 -4.30 -4.25 -16.75
CA GLU A 82 -4.49 -4.40 -18.18
C GLU A 82 -3.21 -4.71 -18.96
N GLU A 83 -2.04 -4.71 -18.30
CA GLU A 83 -0.74 -4.69 -18.97
C GLU A 83 -0.13 -6.07 -19.04
N PRO A 84 0.32 -6.53 -20.22
CA PRO A 84 0.99 -7.82 -20.30
C PRO A 84 2.33 -7.79 -19.58
N SER A 85 2.81 -8.99 -19.20
CA SER A 85 4.12 -9.27 -18.61
C SER A 85 4.12 -9.08 -17.10
N VAL A 86 3.20 -8.26 -16.58
CA VAL A 86 3.22 -7.89 -15.17
C VAL A 86 2.99 -9.11 -14.27
N VAL A 87 1.89 -9.83 -14.48
CA VAL A 87 1.56 -10.95 -13.59
C VAL A 87 2.63 -12.04 -13.68
N ALA A 88 3.13 -12.30 -14.89
CA ALA A 88 4.14 -13.35 -15.05
C ALA A 88 5.46 -12.97 -14.40
N ALA A 89 5.85 -11.69 -14.49
CA ALA A 89 7.11 -11.27 -13.87
C ALA A 89 7.03 -11.34 -12.36
N ALA A 90 5.92 -10.92 -11.77
CA ALA A 90 5.73 -11.05 -10.32
C ALA A 90 5.81 -12.50 -9.89
N SER A 91 5.11 -13.38 -10.61
CA SER A 91 5.12 -14.81 -10.28
C SER A 91 6.52 -15.40 -10.35
N TYR A 92 7.27 -15.04 -11.38
CA TYR A 92 8.61 -15.60 -11.57
C TYR A 92 9.57 -15.11 -10.49
N MET A 93 9.52 -13.82 -10.16
CA MET A 93 10.40 -13.32 -9.11
C MET A 93 10.04 -13.89 -7.75
N ALA A 94 8.74 -14.08 -7.49
CA ALA A 94 8.35 -14.77 -6.25
C ALA A 94 8.90 -16.18 -6.21
N LYS A 95 8.90 -16.86 -7.37
CA LYS A 95 9.47 -18.21 -7.44
C LYS A 95 10.93 -18.21 -7.02
N LEU A 96 11.71 -17.26 -7.54
CA LEU A 96 13.12 -17.18 -7.17
C LEU A 96 13.28 -16.85 -5.69
N ALA A 97 12.41 -15.99 -5.17
CA ALA A 97 12.47 -15.61 -3.77
C ALA A 97 12.19 -16.78 -2.84
N ARG A 98 11.44 -17.79 -3.31
CA ARG A 98 11.17 -18.96 -2.47
C ARG A 98 12.44 -19.67 -2.04
N GLU A 99 13.50 -19.60 -2.85
CA GLU A 99 14.73 -20.33 -2.56
C GLU A 99 15.37 -19.89 -1.25
N ASP A 100 15.18 -18.64 -0.84
CA ASP A 100 15.68 -18.13 0.43
C ASP A 100 14.62 -18.17 1.52
N GLY A 101 13.47 -18.79 1.26
CA GLY A 101 12.38 -18.81 2.22
C GLY A 101 11.32 -17.75 2.01
N GLY A 102 11.37 -17.01 0.91
CA GLY A 102 10.36 -16.01 0.61
C GLY A 102 10.75 -14.61 1.04
N PHE A 103 9.74 -13.75 1.14
CA PHE A 103 9.91 -12.36 1.55
C PHE A 103 9.74 -12.23 3.05
N GLN A 104 10.44 -11.27 3.65
CA GLN A 104 10.30 -10.95 5.06
C GLN A 104 9.80 -9.52 5.19
N THR A 105 8.73 -9.34 5.94
CA THR A 105 8.01 -8.07 5.96
C THR A 105 7.74 -7.65 7.40
N SER A 106 7.51 -6.35 7.56
CA SER A 106 7.07 -5.78 8.83
C SER A 106 6.30 -4.51 8.52
N SER A 107 5.68 -3.95 9.56
CA SER A 107 4.81 -2.78 9.42
C SER A 107 4.93 -1.93 10.68
N THR A 108 4.74 -0.62 10.53
CA THR A 108 4.46 0.21 11.69
C THR A 108 3.02 -0.04 12.15
N LEU A 109 2.62 0.59 13.26
CA LEU A 109 1.19 0.64 13.60
C LEU A 109 0.42 1.35 12.49
N PRO A 110 -0.90 1.08 12.37
CA PRO A 110 -1.70 1.70 11.27
C PRO A 110 -2.12 3.14 11.60
N LEU A 111 -1.13 4.04 11.59
CA LEU A 111 -1.30 5.41 12.06
C LEU A 111 -1.52 6.33 10.88
N MET A 112 -2.66 7.03 10.86
CA MET A 112 -2.99 8.02 9.84
C MET A 112 -2.95 9.42 10.44
N ARG A 113 -2.55 10.40 9.62
CA ARG A 113 -2.53 11.81 10.02
C ARG A 113 -3.81 12.51 9.58
N ALA A 114 -4.40 13.28 10.48
CA ALA A 114 -5.43 14.26 10.13
C ALA A 114 -4.88 15.65 10.36
N GLN A 115 -4.93 16.51 9.34
CA GLN A 115 -4.45 17.88 9.45
C GLN A 115 -5.59 18.82 9.83
N VAL A 116 -5.33 19.69 10.80
CA VAL A 116 -6.26 20.73 11.21
C VAL A 116 -5.56 22.06 10.98
N GLN A 117 -5.94 22.76 9.91
CA GLN A 117 -5.25 23.98 9.48
C GLN A 117 -5.88 25.19 10.18
N VAL A 118 -5.06 25.94 10.91
CA VAL A 118 -5.54 27.09 11.67
C VAL A 118 -4.97 28.36 11.07
N LEU A 119 -5.84 29.30 10.70
CA LEU A 119 -5.45 30.62 10.20
C LEU A 119 -5.73 31.68 11.26
N GLY A 120 -5.17 32.87 11.04
CA GLY A 120 -5.48 34.00 11.88
C GLY A 120 -4.70 34.11 13.18
N VAL A 121 -3.77 33.20 13.45
CA VAL A 121 -2.99 33.20 14.69
C VAL A 121 -1.72 34.01 14.43
N THR A 122 -1.56 35.14 15.13
CA THR A 122 -0.36 35.94 14.87
C THR A 122 0.83 35.51 15.71
N ASP A 123 0.62 34.69 16.75
CA ASP A 123 1.70 34.11 17.55
C ASP A 123 1.70 32.59 17.40
N PRO A 124 1.94 32.06 16.18
CA PRO A 124 1.78 30.60 16.00
C PRO A 124 2.78 29.76 16.79
N HIS A 125 4.02 30.21 17.00
CA HIS A 125 4.95 29.40 17.77
C HIS A 125 4.48 29.27 19.22
N GLY A 126 4.03 30.37 19.83
CA GLY A 126 3.47 30.30 21.17
C GLY A 126 2.18 29.48 21.23
N ALA A 127 1.30 29.67 20.25
CA ALA A 127 0.06 28.89 20.24
C ALA A 127 0.35 27.40 20.07
N ARG A 128 1.40 27.05 19.33
CA ARG A 128 1.79 25.65 19.24
C ARG A 128 2.13 25.09 20.61
N LEU A 129 2.85 25.84 21.46
CA LEU A 129 3.12 25.35 22.81
C LEU A 129 1.82 25.19 23.59
N ALA A 130 0.88 26.13 23.44
CA ALA A 130 -0.39 26.01 24.16
C ALA A 130 -1.14 24.75 23.73
N VAL A 131 -1.14 24.45 22.44
CA VAL A 131 -1.80 23.25 21.93
C VAL A 131 -1.12 22.00 22.47
N LEU A 132 0.21 21.97 22.41
CA LEU A 132 0.93 20.79 22.90
C LEU A 132 0.72 20.58 24.40
N GLN A 133 0.63 21.68 25.16
CA GLN A 133 0.35 21.54 26.59
C GLN A 133 -1.01 20.89 26.81
N ALA A 134 -1.98 21.16 25.93
CA ALA A 134 -3.33 20.64 26.02
C ALA A 134 -3.52 19.34 25.26
N ARG A 135 -2.43 18.62 24.96
CA ARG A 135 -2.56 17.48 24.06
C ARG A 135 -3.53 16.44 24.61
N ALA A 136 -3.52 16.22 25.94
CA ALA A 136 -4.38 15.18 26.51
C ALA A 136 -5.85 15.52 26.28
N GLN A 137 -6.22 16.78 26.46
CA GLN A 137 -7.59 17.22 26.25
C GLN A 137 -8.00 17.07 24.78
N ILE A 138 -7.08 17.37 23.85
CA ILE A 138 -7.38 17.26 22.43
C ILE A 138 -7.53 15.81 22.02
N ILE A 139 -6.69 14.94 22.55
CA ILE A 139 -6.80 13.53 22.24
C ILE A 139 -8.11 12.96 22.77
N GLU A 140 -8.46 13.27 24.03
CA GLU A 140 -9.73 12.79 24.58
C GLU A 140 -10.91 13.29 23.76
N ARG A 141 -10.86 14.54 23.31
CA ARG A 141 -11.92 15.07 22.45
C ARG A 141 -11.96 14.33 21.11
N ALA A 142 -10.80 14.02 20.53
CA ALA A 142 -10.78 13.28 19.27
C ALA A 142 -11.40 11.88 19.42
N ASN A 143 -11.23 11.27 20.58
CA ASN A 143 -11.65 9.89 20.80
C ASN A 143 -13.09 9.78 21.34
N SER A 144 -13.76 10.90 21.59
CA SER A 144 -15.00 10.87 22.36
C SER A 144 -16.18 10.28 21.59
N ARG A 145 -16.10 10.24 20.26
CA ARG A 145 -17.24 9.81 19.45
C ARG A 145 -17.10 8.40 18.89
N ASP A 146 -15.99 7.71 19.11
CA ASP A 146 -15.71 6.44 18.45
C ASP A 146 -15.31 5.38 19.48
N LYS A 147 -16.28 4.94 20.30
CA LYS A 147 -15.97 3.95 21.31
C LYS A 147 -15.69 2.59 20.70
N VAL A 148 -16.27 2.29 19.54
CA VAL A 148 -16.01 1.01 18.89
C VAL A 148 -14.55 0.91 18.46
N LEU A 149 -14.04 1.96 17.82
CA LEU A 149 -12.63 1.97 17.44
C LEU A 149 -11.74 1.89 18.67
N ILE A 150 -12.08 2.64 19.72
CA ILE A 150 -11.30 2.61 20.96
C ILE A 150 -11.20 1.19 21.51
N GLY A 151 -12.34 0.50 21.56
CA GLY A 151 -12.36 -0.83 22.13
C GLY A 151 -11.50 -1.82 21.37
N LEU A 152 -11.28 -1.57 20.08
CA LEU A 152 -10.40 -2.43 19.30
C LEU A 152 -8.93 -2.13 19.55
N GLY A 153 -8.61 -1.08 20.29
CA GLY A 153 -7.24 -0.67 20.44
C GLY A 153 -6.83 0.49 19.54
N GLY A 154 -7.74 1.03 18.73
CA GLY A 154 -7.44 2.17 17.89
C GLY A 154 -7.74 3.49 18.58
N GLY A 155 -7.77 4.54 17.78
CA GLY A 155 -8.06 5.88 18.26
C GLY A 155 -6.87 6.81 18.11
N CYS A 156 -7.13 8.07 18.44
CA CYS A 156 -6.08 9.09 18.40
C CYS A 156 -5.09 8.81 19.52
N LYS A 157 -3.79 8.73 19.17
CA LYS A 157 -2.74 8.36 20.09
C LYS A 157 -1.80 9.50 20.44
N ASP A 158 -1.73 10.53 19.60
CA ASP A 158 -0.75 11.61 19.77
C ASP A 158 -1.16 12.74 18.83
N ILE A 159 -0.51 13.89 19.02
CA ILE A 159 -0.66 15.02 18.12
C ILE A 159 0.73 15.59 17.83
N GLU A 160 0.86 16.22 16.68
CA GLU A 160 1.99 17.09 16.36
C GLU A 160 1.45 18.46 15.98
N VAL A 161 2.31 19.48 16.05
CA VAL A 161 1.93 20.81 15.59
C VAL A 161 3.06 21.34 14.72
N HIS A 162 2.71 21.79 13.53
CA HIS A 162 3.67 22.38 12.60
C HIS A 162 3.28 23.80 12.29
N VAL A 163 4.27 24.68 12.19
CA VAL A 163 4.04 26.12 12.08
C VAL A 163 4.72 26.59 10.80
N PHE A 164 3.97 27.34 9.98
CA PHE A 164 4.44 27.95 8.75
C PHE A 164 4.26 29.45 9.01
N PRO A 165 5.27 30.12 9.56
CA PRO A 165 5.05 31.49 10.05
C PRO A 165 4.94 32.54 8.96
N ASP A 166 5.40 32.26 7.75
CA ASP A 166 5.44 33.26 6.69
C ASP A 166 4.95 32.62 5.40
N THR A 167 3.71 32.90 5.02
CA THR A 167 3.15 32.40 3.77
C THR A 167 2.45 33.55 3.08
N PRO A 168 2.24 33.45 1.76
CA PRO A 168 1.47 34.48 1.04
C PRO A 168 0.07 34.70 1.59
N ARG A 169 -0.45 33.79 2.42
CA ARG A 169 -1.78 33.94 2.99
C ARG A 169 -1.73 34.19 4.51
N GLY A 170 -0.57 34.53 5.05
CA GLY A 170 -0.44 34.73 6.47
C GLY A 170 0.06 33.49 7.17
N PRO A 171 0.32 33.60 8.47
CA PRO A 171 0.80 32.44 9.23
C PRO A 171 -0.23 31.32 9.28
N MET A 172 0.26 30.09 9.26
CA MET A 172 -0.57 28.90 9.42
C MET A 172 -0.01 28.02 10.52
N LEU A 173 -0.88 27.54 11.38
CA LEU A 173 -0.57 26.53 12.38
C LEU A 173 -1.37 25.28 12.05
N VAL A 174 -0.68 24.13 11.93
CA VAL A 174 -1.33 22.90 11.50
C VAL A 174 -1.15 21.83 12.58
N VAL A 175 -2.26 21.41 13.18
CA VAL A 175 -2.27 20.30 14.12
C VAL A 175 -2.45 19.00 13.34
N HIS A 176 -1.60 18.02 13.61
CA HIS A 176 -1.80 16.67 13.09
C HIS A 176 -2.34 15.80 14.23
N LEU A 177 -3.50 15.20 14.01
CA LEU A 177 -3.94 14.09 14.84
C LEU A 177 -3.32 12.81 14.30
N ILE A 178 -2.66 12.05 15.16
CA ILE A 178 -2.06 10.77 14.80
C ILE A 178 -3.01 9.69 15.32
N VAL A 179 -3.64 8.93 14.42
CA VAL A 179 -4.77 8.06 14.77
C VAL A 179 -4.50 6.63 14.31
N ASP A 180 -4.61 5.69 15.25
CA ASP A 180 -4.57 4.27 14.90
C ASP A 180 -5.95 3.86 14.40
N VAL A 181 -6.04 3.46 13.14
CA VAL A 181 -7.33 3.17 12.51
C VAL A 181 -7.55 1.67 12.30
N ARG A 182 -6.71 0.82 12.88
CA ARG A 182 -6.93 -0.63 12.92
C ARG A 182 -7.00 -1.16 11.50
N ASP A 183 -8.11 -1.76 11.05
CA ASP A 183 -8.15 -2.41 9.76
C ASP A 183 -8.85 -1.59 8.68
N ALA A 184 -9.13 -0.31 8.94
CA ALA A 184 -9.75 0.59 7.98
C ALA A 184 -8.68 1.39 7.23
N MET A 185 -9.02 1.84 6.02
CA MET A 185 -8.13 2.81 5.38
C MET A 185 -8.00 4.06 6.25
N GLY A 186 -9.11 4.55 6.78
CA GLY A 186 -9.10 5.50 7.87
C GLY A 186 -9.50 6.91 7.50
N ALA A 187 -9.77 7.20 6.23
CA ALA A 187 -9.98 8.58 5.81
C ALA A 187 -11.19 9.19 6.53
N ASN A 188 -12.34 8.53 6.47
CA ASN A 188 -13.53 9.12 7.08
C ASN A 188 -13.42 9.16 8.60
N THR A 189 -12.77 8.17 9.20
CA THR A 189 -12.54 8.20 10.64
C THR A 189 -11.72 9.41 11.06
N VAL A 190 -10.59 9.65 10.39
CA VAL A 190 -9.74 10.75 10.85
C VAL A 190 -10.31 12.10 10.43
N ASN A 191 -11.05 12.15 9.32
CA ASN A 191 -11.69 13.41 8.94
C ASN A 191 -12.70 13.84 10.02
N THR A 192 -13.46 12.87 10.54
CA THR A 192 -14.44 13.15 11.58
C THR A 192 -13.78 13.59 12.88
N MET A 193 -12.66 12.97 13.24
CA MET A 193 -11.96 13.42 14.44
C MET A 193 -11.44 14.85 14.26
N ALA A 194 -10.91 15.16 13.08
CA ALA A 194 -10.47 16.52 12.81
C ALA A 194 -11.61 17.51 13.00
N GLU A 195 -12.82 17.15 12.54
CA GLU A 195 -13.97 18.03 12.75
C GLU A 195 -14.31 18.15 14.22
N SER A 196 -14.12 17.06 14.99
CA SER A 196 -14.50 17.07 16.39
C SER A 196 -13.60 17.96 17.24
N VAL A 197 -12.31 18.07 16.88
CA VAL A 197 -11.41 18.86 17.71
C VAL A 197 -11.31 20.31 17.28
N ALA A 198 -11.93 20.68 16.16
CA ALA A 198 -11.77 22.04 15.64
C ALA A 198 -12.21 23.11 16.63
N PRO A 199 -13.39 23.04 17.26
CA PRO A 199 -13.74 24.09 18.23
C PRO A 199 -12.75 24.21 19.39
N LEU A 200 -12.23 23.10 19.88
CA LEU A 200 -11.25 23.17 20.96
C LEU A 200 -9.94 23.81 20.48
N VAL A 201 -9.51 23.47 19.27
CA VAL A 201 -8.28 24.06 18.73
C VAL A 201 -8.46 25.55 18.52
N GLU A 202 -9.66 25.98 18.09
CA GLU A 202 -9.95 27.39 17.91
C GLU A 202 -9.92 28.14 19.24
N LYS A 203 -10.43 27.49 20.29
CA LYS A 203 -10.44 28.11 21.62
C LYS A 203 -9.02 28.30 22.15
N ILE A 204 -8.20 27.25 22.07
CA ILE A 204 -6.84 27.30 22.58
C ILE A 204 -6.02 28.35 21.82
N THR A 205 -6.11 28.34 20.49
CA THR A 205 -5.22 29.17 19.67
C THR A 205 -5.78 30.56 19.42
N GLY A 206 -7.07 30.78 19.62
CA GLY A 206 -7.71 32.00 19.18
C GLY A 206 -7.83 32.15 17.68
N GLY A 207 -7.47 31.13 16.89
CA GLY A 207 -7.51 31.21 15.45
C GLY A 207 -8.79 30.63 14.87
N SER A 208 -8.80 30.50 13.56
CA SER A 208 -9.97 30.02 12.82
C SER A 208 -9.57 28.79 12.03
N VAL A 209 -10.22 27.66 12.30
CA VAL A 209 -9.89 26.40 11.62
C VAL A 209 -10.49 26.42 10.22
N ARG A 210 -9.69 26.01 9.22
CA ARG A 210 -10.15 25.92 7.85
C ARG A 210 -10.16 24.46 7.46
N LEU A 211 -9.14 23.94 6.79
CA LEU A 211 -9.15 22.55 6.38
C LEU A 211 -9.10 21.62 7.58
N ARG A 212 -9.90 20.55 7.52
CA ARG A 212 -9.88 19.45 8.49
C ARG A 212 -9.88 18.16 7.66
N ILE A 213 -8.71 17.56 7.43
CA ILE A 213 -8.63 16.57 6.37
C ILE A 213 -7.39 15.71 6.58
N LEU A 214 -7.51 14.43 6.24
CA LEU A 214 -6.39 13.52 6.32
C LEU A 214 -5.26 13.95 5.39
N SER A 215 -4.06 13.50 5.72
CA SER A 215 -2.92 13.60 4.81
C SER A 215 -2.67 12.27 4.12
N ASN A 216 -2.61 12.30 2.80
CA ASN A 216 -2.24 11.10 2.05
C ASN A 216 -0.75 10.80 2.08
N LEU A 217 0.07 11.68 2.65
CA LEU A 217 1.49 11.35 2.87
C LEU A 217 1.53 10.57 4.18
N ALA A 218 1.19 9.28 4.07
CA ALA A 218 0.96 8.44 5.25
C ALA A 218 2.28 7.82 5.71
N ASP A 219 3.23 8.68 6.08
CA ASP A 219 4.56 8.21 6.45
C ASP A 219 4.64 7.67 7.88
N LEU A 220 3.55 7.68 8.63
CA LEU A 220 3.48 6.93 9.89
C LEU A 220 2.83 5.56 9.72
N ARG A 221 2.45 5.19 8.49
CA ARG A 221 1.79 3.91 8.22
C ARG A 221 2.59 3.19 7.13
N LEU A 222 3.75 2.67 7.51
CA LEU A 222 4.72 2.14 6.55
C LEU A 222 4.66 0.63 6.48
N ALA A 223 4.77 0.10 5.27
CA ALA A 223 5.03 -1.32 5.07
C ALA A 223 6.47 -1.51 4.61
N ARG A 224 7.08 -2.60 5.05
CA ARG A 224 8.48 -2.90 4.73
C ARG A 224 8.57 -4.33 4.20
N ALA A 225 9.44 -4.53 3.21
CA ALA A 225 9.63 -5.86 2.63
C ALA A 225 11.08 -6.02 2.19
N ARG A 226 11.60 -7.23 2.36
CA ARG A 226 12.98 -7.55 2.09
C ARG A 226 13.04 -8.91 1.42
N VAL A 227 13.96 -9.07 0.47
CA VAL A 227 14.20 -10.35 -0.18
C VAL A 227 15.70 -10.52 -0.38
N ARG A 228 16.16 -11.77 -0.30
CA ARG A 228 17.55 -12.11 -0.54
C ARG A 228 17.63 -13.24 -1.57
N LEU A 229 18.48 -13.08 -2.60
CA LEU A 229 18.67 -14.09 -3.63
C LEU A 229 20.15 -14.37 -3.83
N THR A 230 20.55 -15.63 -3.70
CA THR A 230 21.95 -16.00 -3.89
C THR A 230 22.31 -15.99 -5.37
N PRO A 231 23.61 -15.95 -5.69
CA PRO A 231 24.01 -16.07 -7.10
C PRO A 231 23.48 -17.34 -7.76
N GLN A 232 23.45 -18.48 -7.06
CA GLN A 232 22.98 -19.69 -7.72
C GLN A 232 21.49 -19.62 -8.03
N THR A 233 20.71 -19.01 -7.12
CA THR A 233 19.30 -18.80 -7.38
C THR A 233 19.07 -17.95 -8.63
N LEU A 234 19.94 -16.98 -8.88
CA LEU A 234 19.73 -16.09 -10.02
C LEU A 234 20.40 -16.56 -11.30
N ALA A 235 21.19 -17.63 -11.26
CA ALA A 235 21.92 -18.06 -12.46
C ALA A 235 20.94 -18.55 -13.52
N THR A 236 21.25 -18.27 -14.78
CA THR A 236 20.46 -18.79 -15.89
C THR A 236 21.35 -19.64 -16.80
N GLN A 237 20.76 -20.21 -17.85
CA GLN A 237 21.56 -20.95 -18.82
C GLN A 237 22.61 -20.05 -19.45
N ASP A 238 22.25 -18.81 -19.77
CA ASP A 238 23.15 -17.92 -20.50
C ASP A 238 24.02 -17.03 -19.62
N ARG A 239 23.65 -16.81 -18.36
CA ARG A 239 24.34 -15.85 -17.52
C ARG A 239 24.54 -16.39 -16.11
N SER A 240 25.70 -16.09 -15.54
CA SER A 240 25.92 -16.41 -14.13
C SER A 240 25.06 -15.52 -13.24
N GLY A 241 24.72 -16.03 -12.06
CA GLY A 241 24.02 -15.23 -11.08
C GLY A 241 24.83 -14.02 -10.66
N GLU A 242 26.15 -14.18 -10.59
CA GLU A 242 27.03 -13.06 -10.24
C GLU A 242 26.88 -11.91 -11.24
N GLU A 243 26.89 -12.23 -12.53
CA GLU A 243 26.76 -11.20 -13.56
C GLU A 243 25.38 -10.54 -13.51
N ILE A 244 24.34 -11.32 -13.28
CA ILE A 244 23.00 -10.75 -13.21
C ILE A 244 22.89 -9.79 -12.02
N ILE A 245 23.50 -10.16 -10.89
CA ILE A 245 23.48 -9.31 -9.70
C ILE A 245 24.15 -7.96 -9.99
N GLU A 246 25.33 -8.00 -10.62
CA GLU A 246 26.00 -6.75 -10.98
C GLU A 246 25.13 -5.89 -11.90
N GLY A 247 24.41 -6.52 -12.82
CA GLY A 247 23.51 -5.78 -13.70
C GLY A 247 22.35 -5.16 -12.95
N VAL A 248 21.78 -5.88 -11.97
CA VAL A 248 20.72 -5.29 -11.16
C VAL A 248 21.22 -4.08 -10.39
N LEU A 249 22.44 -4.17 -9.84
CA LEU A 249 22.99 -3.05 -9.08
C LEU A 249 23.25 -1.84 -9.98
N ASP A 250 23.75 -2.06 -11.20
CA ASP A 250 23.92 -0.96 -12.15
C ASP A 250 22.58 -0.29 -12.43
N ALA A 251 21.53 -1.09 -12.63
CA ALA A 251 20.19 -0.53 -12.90
C ALA A 251 19.65 0.23 -11.69
N TYR A 252 19.86 -0.30 -10.48
CA TYR A 252 19.37 0.37 -9.28
C TYR A 252 20.05 1.73 -9.08
N THR A 253 21.37 1.77 -9.17
CA THR A 253 22.09 3.02 -8.95
C THR A 253 21.64 4.09 -9.95
N PHE A 254 21.37 3.69 -11.19
CA PHE A 254 20.80 4.58 -12.20
C PHE A 254 19.53 5.24 -11.68
N ALA A 255 18.60 4.45 -11.14
CA ALA A 255 17.36 5.01 -10.58
C ALA A 255 17.63 5.89 -9.36
N ALA A 256 18.64 5.56 -8.56
CA ALA A 256 18.88 6.33 -7.33
C ALA A 256 19.38 7.74 -7.63
N ILE A 257 20.12 7.93 -8.73
CA ILE A 257 20.73 9.21 -9.03
C ILE A 257 20.01 10.03 -10.11
N ASP A 258 19.14 9.42 -10.91
CA ASP A 258 18.48 10.12 -12.02
C ASP A 258 16.97 10.04 -11.90
N PRO A 259 16.28 11.15 -11.60
CA PRO A 259 14.80 11.11 -11.54
C PRO A 259 14.14 10.59 -12.82
N TYR A 260 14.73 10.83 -14.00
CA TYR A 260 14.13 10.29 -15.23
C TYR A 260 14.05 8.77 -15.20
N ARG A 261 15.05 8.13 -14.59
CA ARG A 261 15.01 6.68 -14.43
C ARG A 261 14.18 6.27 -13.22
N ALA A 262 14.29 7.03 -12.13
CA ALA A 262 13.53 6.71 -10.92
C ALA A 262 12.03 6.67 -11.18
N ALA A 263 11.54 7.55 -12.06
CA ALA A 263 10.09 7.54 -12.33
C ALA A 263 9.65 6.22 -12.96
N THR A 264 10.45 5.70 -13.89
CA THR A 264 10.16 4.43 -14.55
C THR A 264 10.35 3.26 -13.58
N HIS A 265 11.43 3.32 -12.80
CA HIS A 265 11.73 2.32 -11.79
C HIS A 265 10.60 2.20 -10.78
N ASN A 266 10.11 3.34 -10.26
CA ASN A 266 9.01 3.30 -9.29
C ASN A 266 7.68 2.94 -9.95
N LYS A 267 7.46 3.37 -11.19
CA LYS A 267 6.29 2.93 -11.95
C LYS A 267 6.20 1.42 -11.98
N GLY A 268 7.33 0.76 -12.26
CA GLY A 268 7.38 -0.68 -12.21
C GLY A 268 6.95 -1.27 -10.88
N ILE A 269 7.31 -0.61 -9.78
CA ILE A 269 6.86 -1.08 -8.46
C ILE A 269 5.35 -1.02 -8.37
N MET A 270 4.77 0.11 -8.77
CA MET A 270 3.32 0.27 -8.70
C MET A 270 2.59 -0.65 -9.69
N ASN A 271 3.26 -1.11 -10.76
CA ASN A 271 2.68 -2.19 -11.57
C ASN A 271 2.34 -3.41 -10.72
N GLY A 272 3.11 -3.66 -9.67
CA GLY A 272 2.84 -4.79 -8.79
C GLY A 272 1.85 -4.43 -7.70
N ILE A 273 2.01 -3.23 -7.13
CA ILE A 273 1.21 -2.85 -5.97
C ILE A 273 -0.21 -2.51 -6.38
N ASP A 274 -0.39 -1.59 -7.34
CA ASP A 274 -1.74 -1.10 -7.64
C ASP A 274 -2.74 -2.20 -7.98
N PRO A 275 -2.40 -3.21 -8.79
CA PRO A 275 -3.43 -4.22 -9.12
C PRO A 275 -3.95 -4.98 -7.92
N VAL A 276 -3.11 -5.20 -6.89
CA VAL A 276 -3.57 -5.81 -5.65
C VAL A 276 -4.55 -4.90 -4.95
N ILE A 277 -4.19 -3.62 -4.86
CA ILE A 277 -5.05 -2.58 -4.30
C ILE A 277 -6.40 -2.54 -5.01
N VAL A 278 -6.39 -2.52 -6.34
CA VAL A 278 -7.66 -2.48 -7.07
C VAL A 278 -8.49 -3.72 -6.79
N ALA A 279 -7.85 -4.90 -6.80
CA ALA A 279 -8.59 -6.16 -6.68
C ALA A 279 -9.22 -6.32 -5.30
N THR A 280 -8.64 -5.71 -4.26
CA THR A 280 -9.22 -5.72 -2.92
C THR A 280 -10.16 -4.56 -2.66
N GLY A 281 -10.54 -3.81 -3.70
CA GLY A 281 -11.48 -2.71 -3.49
C GLY A 281 -10.89 -1.49 -2.81
N ASN A 282 -9.57 -1.38 -2.76
CA ASN A 282 -8.95 -0.23 -2.11
C ASN A 282 -8.71 0.91 -3.11
N ASP A 283 -8.38 2.06 -2.54
CA ASP A 283 -8.24 3.35 -3.25
C ASP A 283 -6.83 3.40 -3.82
N TRP A 284 -6.68 3.20 -5.12
CA TRP A 284 -5.34 3.17 -5.70
C TRP A 284 -4.73 4.55 -5.85
N ARG A 285 -5.55 5.60 -5.93
CA ARG A 285 -4.97 6.95 -5.95
C ARG A 285 -4.29 7.26 -4.63
N ALA A 286 -4.84 6.81 -3.50
CA ALA A 286 -4.22 7.09 -2.22
C ALA A 286 -2.88 6.38 -2.08
N VAL A 287 -2.81 5.14 -2.54
CA VAL A 287 -1.54 4.42 -2.43
C VAL A 287 -0.51 5.01 -3.38
N GLU A 288 -0.93 5.42 -4.58
CA GLU A 288 0.01 6.06 -5.50
C GLU A 288 0.55 7.37 -4.93
N ALA A 289 -0.34 8.23 -4.45
CA ALA A 289 0.09 9.53 -3.93
C ALA A 289 1.07 9.36 -2.78
N GLY A 290 0.77 8.46 -1.84
CA GLY A 290 1.66 8.23 -0.72
C GLY A 290 3.03 7.70 -1.16
N ALA A 291 3.04 6.74 -2.08
CA ALA A 291 4.30 6.16 -2.53
C ALA A 291 5.17 7.20 -3.23
N HIS A 292 4.62 7.89 -4.22
CA HIS A 292 5.48 8.80 -4.99
C HIS A 292 5.88 10.04 -4.18
N ALA A 293 5.01 10.52 -3.29
CA ALA A 293 5.41 11.62 -2.42
C ALA A 293 6.52 11.21 -1.45
N TYR A 294 6.41 10.00 -0.89
CA TYR A 294 7.47 9.48 -0.03
C TYR A 294 8.78 9.36 -0.80
N ALA A 295 8.70 9.07 -2.10
CA ALA A 295 9.91 8.91 -2.90
C ALA A 295 10.69 10.21 -3.04
N SER A 296 10.07 11.35 -2.75
CA SER A 296 10.76 12.64 -2.87
C SER A 296 11.12 13.25 -1.53
N ARG A 297 11.04 12.48 -0.43
CA ARG A 297 11.23 13.04 0.90
C ARG A 297 12.64 13.53 1.14
N SER A 298 13.62 13.05 0.37
CA SER A 298 15.01 13.42 0.58
C SER A 298 15.40 14.73 -0.09
N GLY A 299 14.52 15.34 -0.86
CA GLY A 299 14.85 16.51 -1.64
C GLY A 299 15.04 16.26 -3.13
N SER A 300 15.04 14.99 -3.55
CA SER A 300 15.10 14.59 -4.94
C SER A 300 14.16 13.41 -5.13
N TYR A 301 13.50 13.34 -6.28
CA TYR A 301 12.67 12.18 -6.56
C TYR A 301 13.56 10.97 -6.86
N THR A 302 13.50 9.93 -6.03
CA THR A 302 14.44 8.82 -6.19
C THR A 302 13.73 7.47 -6.00
N SER A 303 14.51 6.40 -6.06
CA SER A 303 13.98 5.06 -5.99
C SER A 303 13.34 4.77 -4.63
N LEU A 304 12.19 4.08 -4.65
CA LEU A 304 11.57 3.60 -3.42
C LEU A 304 12.25 2.35 -2.86
N THR A 305 12.93 1.58 -3.70
CA THR A 305 13.62 0.37 -3.29
C THR A 305 15.11 0.64 -3.14
N ARG A 306 15.78 -0.30 -2.47
CA ARG A 306 17.22 -0.38 -2.42
C ARG A 306 17.65 -1.78 -2.82
N TRP A 307 18.67 -1.88 -3.65
CA TRP A 307 19.26 -3.16 -4.04
C TRP A 307 20.74 -3.14 -3.69
N GLU A 308 21.19 -4.18 -2.98
CA GLU A 308 22.55 -4.21 -2.45
C GLU A 308 23.09 -5.63 -2.57
N LYS A 309 24.36 -5.79 -2.25
CA LYS A 309 24.98 -7.10 -2.11
C LYS A 309 25.36 -7.28 -0.65
N ASP A 310 25.00 -8.43 -0.07
CA ASP A 310 25.44 -8.66 1.30
C ASP A 310 26.88 -9.18 1.28
N ALA A 311 27.40 -9.47 2.48
CA ALA A 311 28.83 -9.74 2.61
C ALA A 311 29.25 -11.00 1.85
N GLY A 312 28.37 -11.98 1.75
CA GLY A 312 28.65 -13.17 0.97
C GLY A 312 28.40 -13.05 -0.52
N GLY A 313 27.90 -11.92 -0.99
CA GLY A 313 27.65 -11.71 -2.41
C GLY A 313 26.22 -11.92 -2.87
N ALA A 314 25.28 -12.19 -1.97
CA ALA A 314 23.89 -12.36 -2.36
C ALA A 314 23.24 -11.01 -2.63
N LEU A 315 22.29 -10.99 -3.56
CA LEU A 315 21.54 -9.77 -3.85
C LEU A 315 20.48 -9.58 -2.76
N VAL A 316 20.38 -8.35 -2.21
CA VAL A 316 19.40 -8.07 -1.18
C VAL A 316 18.59 -6.84 -1.59
N GLY A 317 17.26 -6.99 -1.65
CA GLY A 317 16.37 -5.91 -2.01
C GLY A 317 15.51 -5.50 -0.84
N SER A 318 15.18 -4.21 -0.77
CA SER A 318 14.33 -3.78 0.33
C SER A 318 13.44 -2.64 -0.15
N ILE A 319 12.30 -2.50 0.50
CA ILE A 319 11.37 -1.44 0.18
C ILE A 319 10.73 -0.96 1.48
N GLU A 320 10.45 0.34 1.54
CA GLU A 320 9.69 0.90 2.65
C GLU A 320 8.81 1.99 2.06
N LEU A 321 7.51 1.93 2.31
CA LEU A 321 6.64 2.93 1.70
C LEU A 321 5.31 3.00 2.46
N PRO A 322 4.62 4.15 2.41
CA PRO A 322 3.30 4.26 3.03
C PRO A 322 2.34 3.28 2.39
N MET A 323 1.47 2.69 3.20
CA MET A 323 0.55 1.67 2.71
C MET A 323 -0.81 1.83 3.38
N PRO A 324 -1.54 2.91 3.06
CA PRO A 324 -2.87 3.09 3.64
C PRO A 324 -3.90 2.24 2.89
N VAL A 325 -4.27 1.10 3.47
CA VAL A 325 -5.24 0.19 2.88
C VAL A 325 -6.14 -0.32 3.99
N GLY A 326 -7.27 -0.91 3.60
CA GLY A 326 -8.20 -1.44 4.58
C GLY A 326 -8.75 -2.79 4.15
N LEU A 327 -9.31 -3.49 5.14
CA LEU A 327 -10.07 -4.71 4.90
C LEU A 327 -11.56 -4.49 5.03
N VAL A 328 -11.98 -3.34 5.55
CA VAL A 328 -13.36 -3.01 5.83
C VAL A 328 -13.61 -1.63 5.23
N GLY A 329 -14.88 -1.36 4.97
CA GLY A 329 -15.28 -0.05 4.50
C GLY A 329 -15.00 0.15 3.03
N GLY A 330 -15.70 1.14 2.46
CA GLY A 330 -15.53 1.50 1.08
C GLY A 330 -15.96 0.38 0.15
N ALA A 331 -15.28 0.31 -0.99
CA ALA A 331 -15.57 -0.72 -1.98
C ALA A 331 -15.22 -2.12 -1.48
N THR A 332 -14.34 -2.25 -0.48
CA THR A 332 -13.90 -3.56 -0.02
C THR A 332 -15.02 -4.33 0.67
N LYS A 333 -16.06 -3.63 1.11
CA LYS A 333 -17.25 -4.19 1.71
C LYS A 333 -18.33 -4.47 0.65
N THR A 334 -18.52 -3.53 -0.27
CA THR A 334 -19.66 -3.60 -1.19
C THR A 334 -19.39 -4.51 -2.38
N HIS A 335 -18.16 -4.52 -2.88
CA HIS A 335 -17.83 -5.27 -4.10
C HIS A 335 -17.69 -6.74 -3.76
N PRO A 336 -18.58 -7.61 -4.28
CA PRO A 336 -18.46 -9.04 -3.96
C PRO A 336 -17.11 -9.65 -4.35
N LEU A 337 -16.48 -9.19 -5.44
CA LEU A 337 -15.19 -9.77 -5.81
C LEU A 337 -14.05 -9.24 -4.95
N ALA A 338 -14.15 -8.01 -4.46
CA ALA A 338 -13.17 -7.51 -3.49
C ALA A 338 -13.19 -8.36 -2.23
N ARG A 339 -14.38 -8.68 -1.72
CA ARG A 339 -14.46 -9.58 -0.57
C ARG A 339 -13.86 -10.94 -0.89
N LEU A 340 -14.09 -11.42 -2.10
CA LEU A 340 -13.51 -12.69 -2.52
C LEU A 340 -11.99 -12.61 -2.60
N ALA A 341 -11.46 -11.47 -3.06
CA ALA A 341 -10.01 -11.31 -3.09
C ALA A 341 -9.40 -11.42 -1.70
N LEU A 342 -10.05 -10.83 -0.69
CA LEU A 342 -9.51 -10.91 0.66
C LEU A 342 -9.50 -12.36 1.14
N LYS A 343 -10.51 -13.14 0.76
CA LYS A 343 -10.56 -14.55 1.15
C LYS A 343 -9.45 -15.35 0.48
N ILE A 344 -9.26 -15.14 -0.83
CA ILE A 344 -8.18 -15.81 -1.55
C ILE A 344 -6.83 -15.55 -0.87
N MET A 345 -6.57 -14.29 -0.50
CA MET A 345 -5.34 -13.94 0.21
C MET A 345 -5.35 -14.33 1.67
N ASP A 346 -6.52 -14.70 2.22
CA ASP A 346 -6.64 -15.13 3.62
C ASP A 346 -6.09 -14.08 4.58
N LEU A 347 -6.51 -12.83 4.39
CA LEU A 347 -5.96 -11.71 5.15
C LEU A 347 -6.50 -11.65 6.57
N GLN A 348 -5.61 -11.35 7.51
CA GLN A 348 -5.93 -11.21 8.93
C GLN A 348 -5.97 -9.77 9.42
N SER A 349 -5.38 -8.84 8.66
CA SER A 349 -5.32 -7.44 9.07
C SER A 349 -4.98 -6.59 7.84
N ALA A 350 -5.30 -5.31 7.92
CA ALA A 350 -4.86 -4.39 6.87
C ALA A 350 -3.33 -4.34 6.80
N GLN A 351 -2.68 -4.41 7.96
CA GLN A 351 -1.21 -4.43 8.00
C GLN A 351 -0.65 -5.55 7.15
N GLN A 352 -1.21 -6.75 7.29
CA GLN A 352 -0.76 -7.89 6.50
C GLN A 352 -0.98 -7.66 5.01
N LEU A 353 -2.11 -7.07 4.63
CA LEU A 353 -2.33 -6.75 3.22
C LEU A 353 -1.28 -5.75 2.73
N GLY A 354 -0.98 -4.73 3.54
CA GLY A 354 0.07 -3.79 3.18
C GLY A 354 1.43 -4.43 2.99
N GLU A 355 1.76 -5.40 3.86
CA GLU A 355 3.04 -6.11 3.74
C GLU A 355 3.11 -6.98 2.49
N ILE A 356 2.04 -7.71 2.19
CA ILE A 356 2.01 -8.50 0.96
C ILE A 356 2.14 -7.61 -0.26
N ALA A 357 1.42 -6.48 -0.27
CA ALA A 357 1.50 -5.57 -1.41
C ALA A 357 2.92 -5.03 -1.58
N ALA A 358 3.58 -4.68 -0.48
CA ALA A 358 4.96 -4.19 -0.57
C ALA A 358 5.89 -5.26 -1.13
N ALA A 359 5.66 -6.53 -0.76
CA ALA A 359 6.48 -7.60 -1.30
C ALA A 359 6.24 -7.80 -2.79
N VAL A 360 4.97 -7.70 -3.22
CA VAL A 360 4.69 -7.80 -4.65
C VAL A 360 5.36 -6.65 -5.39
N GLY A 361 5.34 -5.45 -4.83
CA GLY A 361 6.02 -4.32 -5.49
C GLY A 361 7.52 -4.54 -5.58
N LEU A 362 8.13 -5.08 -4.52
CA LEU A 362 9.55 -5.38 -4.55
C LEU A 362 9.87 -6.44 -5.59
N ALA A 363 9.06 -7.51 -5.64
CA ALA A 363 9.25 -8.54 -6.66
C ALA A 363 9.09 -7.97 -8.07
N GLN A 364 8.08 -7.13 -8.29
CA GLN A 364 7.86 -6.56 -9.62
C GLN A 364 9.05 -5.73 -10.05
N ASN A 365 9.60 -4.94 -9.13
CA ASN A 365 10.81 -4.15 -9.41
C ASN A 365 11.96 -5.05 -9.83
N LEU A 366 12.20 -6.13 -9.08
CA LEU A 366 13.29 -7.04 -9.45
C LEU A 366 13.09 -7.60 -10.85
N GLY A 367 11.86 -8.01 -11.16
CA GLY A 367 11.59 -8.55 -12.48
C GLY A 367 11.99 -7.59 -13.59
N ALA A 368 11.73 -6.30 -13.39
CA ALA A 368 12.06 -5.31 -14.39
C ALA A 368 13.57 -5.10 -14.48
N LEU A 369 14.24 -4.97 -13.33
CA LEU A 369 15.68 -4.74 -13.31
C LEU A 369 16.42 -5.94 -13.89
N ARG A 370 16.03 -7.14 -13.49
CA ARG A 370 16.66 -8.36 -13.98
C ARG A 370 16.46 -8.52 -15.49
N ALA A 371 15.26 -8.25 -15.99
CA ALA A 371 15.01 -8.38 -17.43
C ALA A 371 15.79 -7.32 -18.21
N LEU A 372 15.73 -6.07 -17.77
CA LEU A 372 16.39 -4.97 -18.48
C LEU A 372 17.89 -5.16 -18.53
N ALA A 373 18.45 -5.84 -17.53
CA ALA A 373 19.88 -6.06 -17.42
C ALA A 373 20.35 -7.32 -18.11
N THR A 374 19.44 -8.22 -18.48
CA THR A 374 19.79 -9.43 -19.21
C THR A 374 19.30 -9.43 -20.65
N GLU A 375 18.68 -8.33 -21.10
CA GLU A 375 18.29 -8.19 -22.49
C GLU A 375 19.52 -7.91 -23.34
N GLY A 376 19.73 -8.73 -24.37
CA GLY A 376 20.93 -8.62 -25.20
C GLY A 376 21.19 -7.27 -25.83
S SO4 B . -12.72 4.71 6.27
O1 SO4 B . -12.47 5.27 7.60
O2 SO4 B . -11.83 3.58 5.99
O3 SO4 B . -12.49 5.70 5.21
O4 SO4 B . -14.12 4.24 6.21
S SO4 C . 22.42 -19.68 1.59
O1 SO4 C . 22.44 -20.82 0.66
O2 SO4 C . 22.57 -20.17 2.97
O3 SO4 C . 23.54 -18.79 1.29
O4 SO4 C . 21.15 -18.97 1.44
C1 EDO D . 18.03 -15.91 -19.42
O1 EDO D . 17.27 -14.73 -19.10
C2 EDO D . 19.39 -15.50 -19.95
O2 EDO D . 20.08 -14.67 -19.00
C1 EDO E . 20.01 -21.95 -5.71
O1 EDO E . 19.70 -21.66 -4.35
C2 EDO E . 19.50 -23.35 -6.07
O2 EDO E . 19.84 -23.61 -7.44
#